data_7OL1
#
_entry.id   7OL1
#
_cell.length_a   180.870
_cell.length_b   180.870
_cell.length_c   88.350
_cell.angle_alpha   90.000
_cell.angle_beta   90.000
_cell.angle_gamma   120.000
#
_symmetry.space_group_name_H-M   'P 31 2 1'
#
loop_
_entity.id
_entity.type
_entity.pdbx_description
1 polymer 'L-threonine 3-dehydrogenase'
2 water water
#
_entity_poly.entity_id   1
_entity_poly.type   'polypeptide(L)'
_entity_poly.pdbx_seq_one_letter_code
;MGHHHHHHHHHHSSGHIEGRHMKKILITGALGQIGSELTIKLRNEYGEQNVIASSRRVKEGNPVCESGIFEILDVTDKNR
FFEIAKKYDVDTIIHLASLLSAVAESKPLEAWNLNMNGLINGLEIAKELDCKFFTPSSIAAFGENSPKNMTPQDTLQRPN
TMYGVTKVSGELLCDYYHSKFGVDTRGVRFPGLISYVTPPGGGTTDYAVDIYYEALKNKRYKSYIAEGTKMDMMYMPDAL
QSIVDLIEAPADKLIHRNAFNITAMSFSPEEIADSIKKYIPDFVIEYDVDPVRQSIADSWPNSLDSSSAVKEWNFKFSYD
LDKMTKDMLEKLSEKGIGK
;
_entity_poly.pdbx_strand_id   A,B
#
# COMPACT_ATOMS: atom_id res chain seq x y z
N ARG A 20 14.99 14.71 21.32
CA ARG A 20 13.55 14.36 21.51
C ARG A 20 12.67 15.57 21.10
N HIS A 21 13.15 16.81 21.30
CA HIS A 21 12.44 18.06 20.87
C HIS A 21 12.94 18.53 19.50
N MET A 22 12.07 19.17 18.73
CA MET A 22 12.41 19.80 17.42
C MET A 22 13.24 21.07 17.68
N LYS A 23 14.33 21.31 16.93
CA LYS A 23 15.07 22.62 16.89
C LYS A 23 14.81 23.28 15.53
N LYS A 24 15.24 22.62 14.44
CA LYS A 24 15.21 23.16 13.05
C LYS A 24 14.36 22.26 12.15
N ILE A 25 13.29 22.83 11.61
CA ILE A 25 12.12 22.13 11.00
C ILE A 25 11.94 22.57 9.54
N LEU A 26 11.93 21.61 8.61
CA LEU A 26 11.51 21.82 7.19
C LEU A 26 10.08 21.31 7.05
N ILE A 27 9.15 22.16 6.64
CA ILE A 27 7.78 21.79 6.24
C ILE A 27 7.65 21.78 4.71
N THR A 28 7.45 20.61 4.10
CA THR A 28 6.96 20.50 2.69
C THR A 28 5.44 20.68 2.69
N GLY A 29 4.88 21.17 1.60
CA GLY A 29 3.43 21.41 1.45
C GLY A 29 2.91 22.47 2.40
N ALA A 30 3.76 23.44 2.71
CA ALA A 30 3.49 24.46 3.74
C ALA A 30 2.33 25.37 3.37
N LEU A 31 1.78 25.37 2.15
CA LEU A 31 0.69 26.33 1.81
C LEU A 31 -0.68 25.62 1.71
N GLY A 32 -0.72 24.30 1.87
CA GLY A 32 -1.97 23.53 2.07
C GLY A 32 -2.71 24.00 3.31
N GLN A 33 -3.87 23.39 3.60
CA GLN A 33 -4.78 23.81 4.71
C GLN A 33 -4.05 23.75 6.05
N ILE A 34 -3.38 22.62 6.32
CA ILE A 34 -2.61 22.32 7.57
C ILE A 34 -1.34 23.17 7.60
N GLY A 35 -0.52 23.11 6.55
CA GLY A 35 0.72 23.93 6.48
C GLY A 35 0.46 25.42 6.74
N SER A 36 -0.54 26.02 6.09
CA SER A 36 -0.87 27.45 6.27
C SER A 36 -0.83 27.79 7.77
N GLU A 37 -1.45 26.97 8.62
CA GLU A 37 -1.61 27.33 10.05
C GLU A 37 -0.48 26.71 10.87
N LEU A 38 0.10 25.59 10.43
CA LEU A 38 1.19 24.93 11.19
C LEU A 38 2.45 25.83 11.17
N THR A 39 2.84 26.39 10.01
CA THR A 39 4.15 27.06 9.86
C THR A 39 4.15 28.28 10.79
N ILE A 40 3.03 29.01 10.85
CA ILE A 40 2.82 30.13 11.80
C ILE A 40 2.98 29.65 13.25
N LYS A 41 2.32 28.55 13.62
CA LYS A 41 2.38 28.03 15.02
C LYS A 41 3.84 27.73 15.37
N LEU A 42 4.54 26.97 14.53
CA LEU A 42 5.90 26.46 14.86
C LEU A 42 6.90 27.62 14.84
N ARG A 43 6.68 28.63 13.99
CA ARG A 43 7.46 29.90 13.96
C ARG A 43 7.41 30.55 15.34
N ASN A 44 6.19 30.78 15.85
CA ASN A 44 5.92 31.39 17.19
C ASN A 44 6.62 30.58 18.29
N GLU A 45 6.64 29.25 18.17
CA GLU A 45 7.03 28.33 19.27
C GLU A 45 8.50 27.91 19.18
N TYR A 46 9.12 28.01 18.00
CA TYR A 46 10.47 27.42 17.77
C TYR A 46 11.41 28.44 17.10
N GLY A 47 10.89 29.57 16.61
CA GLY A 47 11.70 30.69 16.11
C GLY A 47 11.54 30.89 14.62
N GLU A 48 11.21 32.13 14.20
CA GLU A 48 11.00 32.53 12.77
C GLU A 48 12.16 32.00 11.88
N GLN A 49 13.34 31.81 12.49
CA GLN A 49 14.64 31.56 11.82
C GLN A 49 14.97 30.06 11.83
N ASN A 50 14.13 29.25 12.46
CA ASN A 50 14.34 27.78 12.61
C ASN A 50 13.26 26.95 11.88
N VAL A 51 12.29 27.64 11.28
CA VAL A 51 11.19 27.02 10.49
C VAL A 51 11.32 27.50 9.04
N ILE A 52 11.66 26.53 8.19
CA ILE A 52 11.72 26.63 6.71
C ILE A 52 10.42 26.10 6.12
N ALA A 53 9.53 27.01 5.73
CA ALA A 53 8.33 26.66 4.92
C ALA A 53 8.74 26.48 3.48
N SER A 54 8.20 25.47 2.79
CA SER A 54 8.50 25.10 1.39
C SER A 54 7.21 24.76 0.66
N SER A 55 7.12 25.01 -0.66
CA SER A 55 5.96 24.70 -1.54
C SER A 55 6.41 24.63 -2.99
N ARG A 56 5.63 24.00 -3.87
CA ARG A 56 5.86 23.92 -5.33
C ARG A 56 5.78 25.34 -5.92
N ARG A 57 4.85 26.15 -5.41
CA ARG A 57 4.44 27.45 -6.01
C ARG A 57 3.98 28.35 -4.87
N VAL A 58 4.43 29.62 -4.89
CA VAL A 58 3.94 30.80 -4.10
C VAL A 58 2.44 31.02 -4.31
N LYS A 59 1.76 31.62 -3.32
CA LYS A 59 0.32 31.99 -3.40
C LYS A 59 0.19 33.44 -2.96
N GLU A 60 -0.10 34.31 -3.94
CA GLU A 60 -0.18 35.80 -3.87
C GLU A 60 0.12 36.31 -2.46
N GLY A 61 -0.88 36.27 -1.58
CA GLY A 61 -0.85 36.89 -0.23
C GLY A 61 -1.22 35.90 0.84
N ASN A 62 -0.63 34.71 0.80
CA ASN A 62 -0.60 33.78 1.96
C ASN A 62 0.25 34.45 3.05
N PRO A 63 -0.21 34.43 4.33
CA PRO A 63 0.61 34.91 5.44
C PRO A 63 2.04 34.38 5.38
N VAL A 64 2.16 33.06 5.18
CA VAL A 64 3.44 32.29 5.24
C VAL A 64 4.50 33.04 4.46
N CYS A 65 4.22 33.24 3.16
CA CYS A 65 5.14 33.71 2.09
C CYS A 65 5.75 35.07 2.41
N GLU A 66 5.14 35.83 3.32
CA GLU A 66 5.50 37.25 3.58
C GLU A 66 5.67 37.44 5.09
N SER A 67 6.76 36.91 5.67
CA SER A 67 6.97 36.88 7.13
C SER A 67 8.31 36.22 7.54
N GLY A 68 8.73 35.09 6.96
CA GLY A 68 9.95 34.40 7.45
C GLY A 68 10.79 33.76 6.35
N ILE A 69 11.34 32.56 6.62
CA ILE A 69 12.08 31.74 5.61
C ILE A 69 11.09 30.93 4.77
N PHE A 70 11.22 31.00 3.45
CA PHE A 70 10.40 30.28 2.44
C PHE A 70 11.25 29.87 1.25
N GLU A 71 11.04 28.67 0.76
CA GLU A 71 11.84 28.04 -0.32
C GLU A 71 10.91 27.29 -1.27
N ILE A 72 10.90 27.66 -2.52
CA ILE A 72 10.33 26.82 -3.61
C ILE A 72 11.02 25.46 -3.57
N LEU A 73 10.19 24.42 -3.53
CA LEU A 73 10.60 22.99 -3.50
C LEU A 73 9.53 22.13 -4.18
N ASP A 74 9.99 21.34 -5.15
CA ASP A 74 9.23 20.24 -5.76
C ASP A 74 9.79 18.96 -5.14
N VAL A 75 9.06 18.39 -4.19
CA VAL A 75 9.51 17.22 -3.40
C VAL A 75 9.83 16.05 -4.34
N THR A 76 9.37 16.07 -5.58
CA THR A 76 9.64 14.93 -6.50
C THR A 76 11.05 15.01 -7.08
N ASP A 77 11.79 16.08 -6.79
CA ASP A 77 13.23 16.25 -7.11
C ASP A 77 14.08 15.89 -5.87
N LYS A 78 14.61 14.68 -5.78
CA LYS A 78 15.32 14.24 -4.56
C LYS A 78 16.44 15.25 -4.29
N ASN A 79 17.22 15.51 -5.34
CA ASN A 79 18.39 16.39 -5.28
C ASN A 79 18.04 17.72 -4.58
N ARG A 80 17.02 18.43 -5.07
CA ARG A 80 16.75 19.79 -4.55
C ARG A 80 16.20 19.67 -3.13
N PHE A 81 15.36 18.66 -2.88
CA PHE A 81 14.79 18.35 -1.54
C PHE A 81 15.96 18.23 -0.58
N PHE A 82 16.95 17.42 -0.95
CA PHE A 82 18.16 17.17 -0.12
C PHE A 82 18.93 18.48 0.08
N GLU A 83 19.04 19.30 -0.98
CA GLU A 83 19.77 20.57 -0.90
C GLU A 83 19.17 21.39 0.24
N ILE A 84 17.84 21.47 0.30
CA ILE A 84 17.15 22.37 1.27
C ILE A 84 17.23 21.77 2.67
N ALA A 85 17.19 20.46 2.81
CA ALA A 85 17.46 19.81 4.12
C ALA A 85 18.84 20.22 4.62
N LYS A 86 19.89 20.12 3.79
CA LYS A 86 21.30 20.38 4.21
C LYS A 86 21.53 21.88 4.48
N LYS A 87 20.88 22.76 3.72
CA LYS A 87 21.14 24.22 3.73
C LYS A 87 20.83 24.81 5.10
N TYR A 88 19.90 24.21 5.83
CA TYR A 88 19.45 24.73 7.15
C TYR A 88 19.74 23.69 8.26
N ASP A 89 20.47 22.63 7.97
CA ASP A 89 20.77 21.52 8.92
C ASP A 89 19.53 21.12 9.73
N VAL A 90 18.46 20.65 9.09
CA VAL A 90 17.17 20.38 9.78
C VAL A 90 17.28 19.05 10.54
N ASP A 91 16.54 18.90 11.63
CA ASP A 91 16.49 17.66 12.45
C ASP A 91 15.09 17.04 12.30
N THR A 92 14.13 17.81 11.82
CA THR A 92 12.71 17.43 11.58
C THR A 92 12.26 17.82 10.17
N ILE A 93 11.63 16.89 9.45
CA ILE A 93 10.89 17.16 8.19
C ILE A 93 9.42 16.82 8.43
N ILE A 94 8.53 17.80 8.35
CA ILE A 94 7.07 17.57 8.35
C ILE A 94 6.64 17.59 6.88
N HIS A 95 6.60 16.40 6.29
CA HIS A 95 6.25 16.14 4.88
C HIS A 95 4.74 16.22 4.65
N LEU A 96 4.17 17.43 4.53
CA LEU A 96 2.74 17.61 4.14
C LEU A 96 2.53 17.58 2.62
N ALA A 97 3.53 17.73 1.77
CA ALA A 97 3.29 17.83 0.31
C ALA A 97 2.41 16.66 -0.12
N SER A 98 1.33 16.93 -0.86
CA SER A 98 0.50 15.88 -1.52
C SER A 98 -0.67 16.51 -2.31
N LEU A 99 -1.24 15.74 -3.22
CA LEU A 99 -2.62 16.00 -3.72
C LEU A 99 -3.61 15.21 -2.84
N LEU A 100 -4.68 15.88 -2.42
CA LEU A 100 -5.78 15.36 -1.55
C LEU A 100 -6.98 14.97 -2.42
N SER A 101 -8.06 14.47 -1.78
CA SER A 101 -9.22 13.70 -2.32
C SER A 101 -9.66 14.21 -3.71
N ALA A 102 -10.26 15.40 -3.78
CA ALA A 102 -10.90 15.96 -4.98
C ALA A 102 -9.93 15.94 -6.18
N VAL A 103 -8.77 16.54 -5.97
CA VAL A 103 -7.77 16.80 -7.05
C VAL A 103 -7.21 15.43 -7.45
N ALA A 104 -6.91 14.59 -6.46
CA ALA A 104 -6.33 13.25 -6.71
C ALA A 104 -7.25 12.43 -7.62
N GLU A 105 -8.59 12.54 -7.51
CA GLU A 105 -9.52 11.66 -8.30
C GLU A 105 -9.44 12.06 -9.77
N SER A 106 -9.29 13.36 -10.06
CA SER A 106 -9.22 13.96 -11.43
C SER A 106 -7.85 13.73 -12.04
N LYS A 107 -6.79 13.72 -11.22
CA LYS A 107 -5.37 13.73 -11.64
C LYS A 107 -4.63 12.54 -11.03
N PRO A 108 -5.18 11.31 -11.10
CA PRO A 108 -4.68 10.20 -10.30
C PRO A 108 -3.19 9.85 -10.47
N LEU A 109 -2.65 9.92 -11.68
CA LEU A 109 -1.21 9.60 -11.91
C LEU A 109 -0.33 10.70 -11.30
N GLU A 110 -0.77 11.94 -11.38
CA GLU A 110 -0.06 13.10 -10.81
C GLU A 110 -0.08 12.94 -9.28
N ALA A 111 -1.16 12.42 -8.73
CA ALA A 111 -1.33 12.19 -7.27
C ALA A 111 -0.44 11.03 -6.84
N TRP A 112 -0.39 9.97 -7.62
CA TRP A 112 0.54 8.86 -7.31
C TRP A 112 1.98 9.40 -7.31
N ASN A 113 2.40 10.08 -8.37
CA ASN A 113 3.80 10.58 -8.51
C ASN A 113 4.14 11.47 -7.31
N LEU A 114 3.34 12.52 -7.09
CA LEU A 114 3.66 13.48 -6.00
C LEU A 114 3.63 12.76 -4.66
N ASN A 115 2.60 11.96 -4.39
CA ASN A 115 2.31 11.48 -3.01
C ASN A 115 3.33 10.40 -2.66
N MET A 116 3.80 9.65 -3.66
CA MET A 116 4.69 8.48 -3.44
C MET A 116 6.16 8.82 -3.75
N ASN A 117 6.48 9.49 -4.87
CA ASN A 117 7.88 9.85 -5.15
C ASN A 117 8.26 10.96 -4.18
N GLY A 118 7.34 11.87 -3.89
CA GLY A 118 7.65 12.90 -2.87
C GLY A 118 8.06 12.22 -1.56
N LEU A 119 7.26 11.23 -1.13
CA LEU A 119 7.41 10.56 0.18
C LEU A 119 8.71 9.77 0.18
N ILE A 120 8.89 8.89 -0.80
CA ILE A 120 10.11 8.02 -0.83
C ILE A 120 11.35 8.92 -0.86
N ASN A 121 11.27 10.10 -1.45
CA ASN A 121 12.43 11.01 -1.55
C ASN A 121 12.73 11.48 -0.13
N GLY A 122 11.72 12.01 0.54
CA GLY A 122 11.83 12.47 1.93
C GLY A 122 12.34 11.37 2.86
N LEU A 123 11.96 10.11 2.62
CA LEU A 123 12.32 9.02 3.55
C LEU A 123 13.82 8.78 3.37
N GLU A 124 14.27 8.79 2.12
CA GLU A 124 15.69 8.50 1.75
C GLU A 124 16.54 9.63 2.34
N ILE A 125 16.03 10.86 2.34
CA ILE A 125 16.73 12.02 2.95
C ILE A 125 16.83 11.77 4.46
N ALA A 126 15.72 11.45 5.12
CA ALA A 126 15.65 11.23 6.58
C ALA A 126 16.56 10.06 6.97
N LYS A 127 16.57 9.01 6.17
CA LYS A 127 17.50 7.86 6.36
C LYS A 127 18.94 8.39 6.41
N GLU A 128 19.29 9.34 5.53
CA GLU A 128 20.70 9.77 5.32
C GLU A 128 21.09 10.76 6.42
N LEU A 129 20.17 11.60 6.88
CA LEU A 129 20.46 12.73 7.81
C LEU A 129 20.05 12.44 9.27
N ASP A 130 19.43 11.30 9.58
CA ASP A 130 18.87 11.05 10.94
C ASP A 130 17.82 12.10 11.29
N CYS A 131 16.91 12.38 10.38
CA CYS A 131 15.78 13.29 10.65
C CYS A 131 14.64 12.51 11.28
N LYS A 132 13.88 13.27 12.05
CA LYS A 132 12.48 13.00 12.42
C LYS A 132 11.68 13.23 11.15
N PHE A 133 10.79 12.30 10.84
CA PHE A 133 9.99 12.32 9.59
C PHE A 133 8.51 12.08 9.92
N PHE A 134 7.74 13.15 9.87
CA PHE A 134 6.29 13.14 10.05
C PHE A 134 5.58 13.23 8.69
N THR A 135 4.76 12.23 8.37
CA THR A 135 3.82 12.19 7.23
C THR A 135 2.39 12.07 7.75
N PRO A 136 1.48 12.98 7.38
CA PRO A 136 0.08 12.81 7.71
C PRO A 136 -0.55 11.79 6.77
N SER A 137 -1.50 11.01 7.30
CA SER A 137 -2.36 10.03 6.60
C SER A 137 -3.80 10.50 6.79
N SER A 138 -4.81 9.67 6.56
CA SER A 138 -6.22 10.15 6.47
C SER A 138 -7.20 9.01 6.77
N ILE A 139 -8.39 9.37 7.24
CA ILE A 139 -9.58 8.46 7.21
C ILE A 139 -9.69 7.83 5.83
N ALA A 140 -9.13 8.46 4.79
CA ALA A 140 -9.25 8.01 3.39
C ALA A 140 -8.50 6.69 3.18
N ALA A 141 -7.62 6.35 4.13
CA ALA A 141 -6.83 5.09 4.14
C ALA A 141 -7.67 3.90 4.61
N PHE A 142 -8.99 4.07 4.76
CA PHE A 142 -9.98 3.03 5.16
C PHE A 142 -11.01 2.79 4.02
N GLY A 143 -11.39 1.52 3.82
CA GLY A 143 -12.34 1.03 2.79
C GLY A 143 -13.82 0.96 3.23
N GLU A 144 -14.67 0.32 2.42
CA GLU A 144 -16.15 0.27 2.62
C GLU A 144 -16.45 -0.72 3.74
N ASN A 145 -15.65 -1.78 3.82
CA ASN A 145 -15.68 -2.88 4.83
C ASN A 145 -14.77 -2.60 6.01
N SER A 146 -14.08 -1.47 6.05
CA SER A 146 -13.41 -1.11 7.31
C SER A 146 -14.52 -0.95 8.35
N PRO A 147 -14.34 -1.49 9.56
CA PRO A 147 -15.35 -1.31 10.61
C PRO A 147 -15.73 0.17 10.73
N LYS A 148 -17.02 0.51 10.92
CA LYS A 148 -17.52 1.90 10.74
C LYS A 148 -17.68 2.62 12.09
N ASN A 149 -17.59 1.89 13.22
CA ASN A 149 -17.91 2.41 14.57
C ASN A 149 -16.80 2.00 15.55
N MET A 150 -16.19 2.97 16.22
CA MET A 150 -14.92 2.76 16.97
C MET A 150 -13.98 1.90 16.13
N THR A 151 -13.63 2.41 14.95
CA THR A 151 -12.72 1.75 14.00
C THR A 151 -11.41 1.55 14.74
N PRO A 152 -10.95 0.30 14.87
CA PRO A 152 -9.66 0.04 15.51
C PRO A 152 -8.47 0.72 14.82
N GLN A 153 -7.34 0.77 15.52
CA GLN A 153 -6.03 1.26 15.04
C GLN A 153 -5.53 0.33 13.95
N ASP A 154 -5.45 -0.97 14.22
CA ASP A 154 -5.06 -1.99 13.22
C ASP A 154 -6.33 -2.63 12.68
N THR A 155 -6.54 -2.64 11.37
CA THR A 155 -7.78 -3.17 10.75
C THR A 155 -7.61 -3.21 9.24
N LEU A 156 -8.70 -3.39 8.54
CA LEU A 156 -8.77 -3.65 7.10
C LEU A 156 -8.66 -2.27 6.43
N GLN A 157 -7.67 -2.13 5.54
CA GLN A 157 -7.33 -0.91 4.75
C GLN A 157 -7.28 -1.30 3.26
N ARG A 158 -8.47 -1.20 2.63
CA ARG A 158 -8.64 -1.40 1.17
C ARG A 158 -9.49 -0.28 0.58
N PRO A 159 -8.96 0.97 0.47
CA PRO A 159 -9.73 2.09 -0.08
C PRO A 159 -9.75 2.00 -1.61
N ASN A 160 -10.75 2.65 -2.22
CA ASN A 160 -11.07 2.59 -3.67
C ASN A 160 -10.79 3.97 -4.32
N THR A 161 -10.29 4.95 -3.55
CA THR A 161 -9.79 6.26 -4.03
C THR A 161 -8.25 6.22 -4.20
N MET A 162 -7.71 6.97 -5.17
CA MET A 162 -6.24 7.01 -5.41
C MET A 162 -5.59 7.67 -4.21
N TYR A 163 -6.20 8.73 -3.66
CA TYR A 163 -5.66 9.39 -2.45
C TYR A 163 -5.47 8.33 -1.35
N GLY A 164 -6.54 7.59 -1.06
CA GLY A 164 -6.51 6.52 -0.04
C GLY A 164 -5.40 5.52 -0.31
N VAL A 165 -5.32 5.04 -1.54
CA VAL A 165 -4.27 4.05 -1.87
C VAL A 165 -2.88 4.63 -1.53
N THR A 166 -2.65 5.92 -1.80
CA THR A 166 -1.32 6.52 -1.62
C THR A 166 -1.06 6.57 -0.12
N LYS A 167 -2.08 6.84 0.70
CA LYS A 167 -1.96 6.93 2.19
C LYS A 167 -1.68 5.53 2.80
N VAL A 168 -2.30 4.48 2.28
CA VAL A 168 -1.96 3.13 2.81
C VAL A 168 -0.55 2.77 2.40
N SER A 169 -0.23 2.89 1.10
CA SER A 169 1.12 2.60 0.54
C SER A 169 2.17 3.34 1.37
N GLY A 170 1.88 4.59 1.72
CA GLY A 170 2.77 5.44 2.52
C GLY A 170 2.91 4.98 3.96
N GLU A 171 1.80 4.66 4.64
CA GLU A 171 1.87 4.09 6.01
C GLU A 171 2.85 2.91 5.98
N LEU A 172 2.66 1.98 5.05
CA LEU A 172 3.49 0.75 4.95
C LEU A 172 4.96 1.13 4.78
N LEU A 173 5.21 2.16 4.00
CA LEU A 173 6.57 2.53 3.55
C LEU A 173 7.27 3.25 4.71
N CYS A 174 6.54 4.17 5.32
CA CYS A 174 7.03 4.88 6.52
C CYS A 174 7.34 3.86 7.61
N ASP A 175 6.51 2.84 7.83
CA ASP A 175 6.82 1.82 8.89
C ASP A 175 8.03 1.02 8.43
N TYR A 176 8.18 0.72 7.13
CA TYR A 176 9.35 -0.06 6.63
C TYR A 176 10.65 0.71 6.92
N TYR A 177 10.66 2.03 6.79
CA TYR A 177 11.91 2.82 6.93
C TYR A 177 12.31 2.76 8.41
N HIS A 178 11.32 2.70 9.31
CA HIS A 178 11.60 2.51 10.76
C HIS A 178 12.06 1.08 11.06
N SER A 179 11.31 0.07 10.62
CA SER A 179 11.57 -1.34 11.00
C SER A 179 12.93 -1.77 10.45
N LYS A 180 13.36 -1.21 9.34
CA LYS A 180 14.48 -1.76 8.54
C LYS A 180 15.71 -0.87 8.73
N PHE A 181 15.56 0.46 8.79
CA PHE A 181 16.69 1.44 8.78
C PHE A 181 16.75 2.29 10.05
N GLY A 182 15.73 2.20 10.91
CA GLY A 182 15.67 2.95 12.16
C GLY A 182 15.34 4.42 11.97
N VAL A 183 14.75 4.81 10.84
CA VAL A 183 14.34 6.23 10.64
C VAL A 183 13.21 6.55 11.64
N ASP A 184 13.24 7.70 12.30
CA ASP A 184 12.15 8.10 13.23
C ASP A 184 10.98 8.60 12.36
N THR A 185 10.21 7.67 11.79
CA THR A 185 8.92 7.97 11.12
C THR A 185 7.71 7.85 12.08
N ARG A 186 6.74 8.73 11.90
CA ARG A 186 5.51 8.84 12.70
C ARG A 186 4.42 9.59 11.94
N GLY A 187 3.15 9.38 12.28
CA GLY A 187 2.07 10.12 11.60
C GLY A 187 0.72 9.93 12.24
N VAL A 188 -0.26 10.68 11.77
CA VAL A 188 -1.65 10.59 12.28
C VAL A 188 -2.56 10.47 11.08
N ARG A 189 -3.68 9.78 11.25
CA ARG A 189 -4.80 9.79 10.30
C ARG A 189 -5.74 10.91 10.72
N PHE A 190 -5.61 12.05 10.07
CA PHE A 190 -6.54 13.19 10.26
C PHE A 190 -7.92 12.82 9.73
N PRO A 191 -8.95 13.22 10.50
CA PRO A 191 -10.30 13.29 9.98
C PRO A 191 -10.50 14.63 9.24
N GLY A 192 -11.76 14.93 8.91
CA GLY A 192 -12.18 16.28 8.54
C GLY A 192 -11.60 17.30 9.50
N LEU A 193 -10.88 18.28 8.96
CA LEU A 193 -10.41 19.43 9.75
C LEU A 193 -11.27 20.64 9.40
N ILE A 194 -11.55 21.43 10.46
CA ILE A 194 -12.32 22.71 10.47
C ILE A 194 -11.32 23.81 10.85
N SER A 195 -11.16 24.83 9.99
CA SER A 195 -10.38 26.05 10.32
C SER A 195 -11.11 27.32 9.87
N TYR A 196 -10.66 28.44 10.44
CA TYR A 196 -11.19 29.79 10.16
C TYR A 196 -10.24 30.57 9.24
N VAL A 197 -8.96 30.18 9.19
CA VAL A 197 -7.89 30.80 8.33
C VAL A 197 -8.11 30.42 6.86
N THR A 198 -8.52 29.18 6.57
CA THR A 198 -8.55 28.63 5.20
C THR A 198 -10.01 28.57 4.77
N PRO A 199 -10.35 29.13 3.59
CA PRO A 199 -11.75 29.21 3.16
C PRO A 199 -12.28 27.89 2.63
N PRO A 200 -13.59 27.60 2.86
CA PRO A 200 -14.28 26.43 2.30
C PRO A 200 -13.92 26.15 0.85
N GLY A 201 -13.37 24.97 0.56
CA GLY A 201 -12.83 24.58 -0.77
C GLY A 201 -13.66 23.50 -1.45
N GLY A 202 -14.97 23.46 -1.18
CA GLY A 202 -15.91 22.42 -1.67
C GLY A 202 -15.28 21.02 -1.72
N GLY A 203 -14.39 20.67 -0.78
CA GLY A 203 -13.88 19.31 -0.56
C GLY A 203 -14.91 18.45 0.18
N THR A 204 -14.60 17.19 0.44
CA THR A 204 -15.58 16.18 0.94
C THR A 204 -16.20 16.64 2.28
N THR A 205 -15.36 17.00 3.25
CA THR A 205 -15.71 17.29 4.67
C THR A 205 -15.92 18.79 4.91
N ASP A 206 -15.84 19.63 3.86
CA ASP A 206 -15.78 21.11 3.99
C ASP A 206 -17.18 21.69 4.30
N TYR A 207 -18.22 20.87 4.23
CA TYR A 207 -19.58 21.25 4.70
C TYR A 207 -19.49 21.84 6.11
N ALA A 208 -18.66 21.30 7.00
CA ALA A 208 -18.64 21.76 8.41
C ALA A 208 -17.89 23.10 8.55
N VAL A 209 -17.21 23.58 7.51
CA VAL A 209 -16.59 24.94 7.51
C VAL A 209 -17.59 25.94 6.92
N ASP A 210 -18.01 25.73 5.67
CA ASP A 210 -18.96 26.61 4.92
C ASP A 210 -20.22 26.88 5.75
N ILE A 211 -20.69 25.95 6.57
CA ILE A 211 -21.91 26.13 7.42
C ILE A 211 -21.76 27.38 8.28
N TYR A 212 -20.58 27.64 8.83
CA TYR A 212 -20.33 28.79 9.74
C TYR A 212 -20.33 30.10 8.94
N TYR A 213 -19.82 30.05 7.70
CA TYR A 213 -19.80 31.19 6.74
C TYR A 213 -21.26 31.54 6.43
N GLU A 214 -22.03 30.59 5.89
CA GLU A 214 -23.45 30.81 5.47
C GLU A 214 -24.35 31.10 6.68
N ALA A 215 -23.85 31.04 7.92
CA ALA A 215 -24.64 31.29 9.16
C ALA A 215 -24.61 32.78 9.52
N LEU A 216 -23.43 33.39 9.41
CA LEU A 216 -23.19 34.82 9.72
C LEU A 216 -23.49 35.70 8.50
N LYS A 217 -23.60 35.08 7.30
CA LYS A 217 -23.67 35.75 5.97
C LYS A 217 -25.15 35.85 5.57
N ASN A 218 -25.84 34.73 5.38
CA ASN A 218 -27.33 34.65 5.40
C ASN A 218 -27.74 34.32 6.84
N LYS A 219 -28.72 33.44 7.02
CA LYS A 219 -29.00 32.76 8.31
C LYS A 219 -29.34 31.30 8.02
N ARG A 220 -28.90 30.82 6.85
CA ARG A 220 -29.46 29.67 6.10
C ARG A 220 -28.29 28.94 5.41
N TYR A 221 -28.15 27.60 5.62
CA TYR A 221 -27.17 26.75 4.91
C TYR A 221 -27.88 25.64 4.11
N LYS A 222 -27.43 25.44 2.85
CA LYS A 222 -27.79 24.32 1.95
C LYS A 222 -26.69 23.25 2.01
N SER A 223 -26.89 22.17 2.77
CA SER A 223 -25.96 21.02 2.95
C SER A 223 -25.89 20.21 1.65
N TYR A 224 -24.67 19.86 1.21
CA TYR A 224 -24.44 18.95 0.06
C TYR A 224 -24.36 17.52 0.61
N ILE A 225 -24.52 17.39 1.93
CA ILE A 225 -24.36 16.10 2.68
C ILE A 225 -25.64 15.81 3.47
N ALA A 226 -26.15 14.58 3.31
CA ALA A 226 -27.46 14.09 3.78
C ALA A 226 -27.51 14.18 5.31
N GLU A 227 -28.68 14.42 5.88
CA GLU A 227 -28.88 14.59 7.35
C GLU A 227 -28.63 13.22 8.00
N GLY A 228 -28.20 13.21 9.27
CA GLY A 228 -27.83 11.97 9.99
C GLY A 228 -26.55 11.27 9.49
N THR A 229 -25.84 11.77 8.47
CA THR A 229 -24.53 11.23 8.02
C THR A 229 -23.44 11.64 9.03
N LYS A 230 -22.83 10.69 9.72
CA LYS A 230 -21.85 10.95 10.81
C LYS A 230 -20.44 10.75 10.27
N MET A 231 -19.49 11.58 10.75
CA MET A 231 -18.08 11.64 10.29
C MET A 231 -17.16 12.08 11.44
N ASP A 232 -15.91 11.63 11.47
CA ASP A 232 -14.96 12.24 12.42
C ASP A 232 -14.58 13.64 11.93
N MET A 233 -14.40 14.55 12.88
CA MET A 233 -13.93 15.93 12.69
C MET A 233 -12.99 16.29 13.84
N MET A 234 -12.20 17.34 13.60
CA MET A 234 -11.26 17.92 14.59
C MET A 234 -11.06 19.41 14.23
N TYR A 235 -11.00 20.29 15.23
CA TYR A 235 -10.75 21.73 15.04
C TYR A 235 -9.25 21.95 14.84
N MET A 236 -8.90 22.78 13.88
CA MET A 236 -7.49 22.87 13.40
C MET A 236 -6.52 22.96 14.59
N PRO A 237 -6.74 23.78 15.63
CA PRO A 237 -5.79 23.89 16.74
C PRO A 237 -5.51 22.54 17.41
N ASP A 238 -6.53 21.70 17.61
CA ASP A 238 -6.38 20.32 18.15
C ASP A 238 -5.39 19.53 17.27
N ALA A 239 -5.65 19.48 15.95
CA ALA A 239 -4.85 18.76 14.94
C ALA A 239 -3.40 19.24 14.96
N LEU A 240 -3.20 20.56 14.96
CA LEU A 240 -1.83 21.11 14.90
C LEU A 240 -1.10 20.62 16.15
N GLN A 241 -1.75 20.63 17.33
CA GLN A 241 -1.08 20.15 18.58
C GLN A 241 -0.72 18.65 18.48
N SER A 242 -1.63 17.80 17.95
CA SER A 242 -1.38 16.35 17.63
C SER A 242 0.02 16.14 17.05
N ILE A 243 0.30 16.89 15.97
CA ILE A 243 1.56 16.86 15.17
C ILE A 243 2.74 17.09 16.10
N VAL A 244 2.66 18.13 16.94
CA VAL A 244 3.80 18.45 17.86
C VAL A 244 3.89 17.39 18.96
N ASP A 245 2.78 17.13 19.67
CA ASP A 245 2.72 16.16 20.80
C ASP A 245 3.36 14.86 20.30
N LEU A 246 2.94 14.37 19.12
CA LEU A 246 3.44 13.09 18.56
C LEU A 246 4.90 13.22 18.09
N ILE A 247 5.29 14.28 17.38
CA ILE A 247 6.69 14.37 16.85
C ILE A 247 7.68 14.19 18.02
N GLU A 248 7.34 14.82 19.16
CA GLU A 248 8.22 15.03 20.34
C GLU A 248 7.98 13.97 21.43
N ALA A 249 6.97 13.12 21.28
CA ALA A 249 6.65 12.07 22.26
C ALA A 249 7.87 11.17 22.49
N PRO A 250 7.99 10.54 23.69
CA PRO A 250 9.07 9.60 23.94
C PRO A 250 8.93 8.40 23.00
N ALA A 251 10.01 8.07 22.30
CA ALA A 251 10.11 6.95 21.32
C ALA A 251 9.55 5.64 21.88
N ASP A 252 9.98 5.29 23.09
CA ASP A 252 9.92 3.93 23.73
C ASP A 252 8.47 3.45 23.97
N LYS A 253 7.47 4.33 24.07
CA LYS A 253 6.06 3.90 24.33
C LYS A 253 5.28 3.79 23.01
N LEU A 254 5.97 3.90 21.86
CA LEU A 254 5.30 3.87 20.52
C LEU A 254 5.21 2.43 20.05
N ILE A 255 4.02 1.87 19.96
CA ILE A 255 3.88 0.48 19.44
C ILE A 255 3.60 0.60 17.94
N HIS A 256 2.62 1.43 17.60
CA HIS A 256 2.32 1.95 16.25
C HIS A 256 3.14 3.23 15.94
N ARG A 257 3.25 3.56 14.66
CA ARG A 257 4.02 4.74 14.20
C ARG A 257 3.26 5.39 13.05
N ASN A 258 3.02 4.66 11.95
CA ASN A 258 2.41 5.28 10.74
C ASN A 258 1.16 4.50 10.39
N ALA A 259 -0.03 5.03 10.69
CA ALA A 259 -0.26 6.26 11.43
C ALA A 259 -1.42 6.09 12.42
N PHE A 260 -1.45 6.94 13.43
CA PHE A 260 -2.35 6.82 14.60
C PHE A 260 -3.69 7.42 14.26
N ASN A 261 -4.79 6.70 14.46
CA ASN A 261 -6.14 7.28 14.50
C ASN A 261 -6.17 8.41 15.52
N ILE A 262 -6.75 9.54 15.16
CA ILE A 262 -7.06 10.58 16.17
C ILE A 262 -8.42 11.13 15.80
N THR A 263 -9.11 11.66 16.78
CA THR A 263 -10.43 12.30 16.57
C THR A 263 -10.81 13.04 17.85
N ALA A 264 -11.73 13.98 17.70
CA ALA A 264 -12.24 14.87 18.77
C ALA A 264 -13.76 14.77 18.85
N MET A 265 -14.41 14.33 17.77
CA MET A 265 -15.89 14.38 17.61
C MET A 265 -16.30 13.60 16.35
N SER A 266 -17.51 13.03 16.36
CA SER A 266 -18.34 12.62 15.19
C SER A 266 -19.62 13.44 15.22
N PHE A 267 -20.17 13.81 14.06
CA PHE A 267 -21.46 14.51 13.99
C PHE A 267 -22.03 14.57 12.56
N SER A 268 -23.35 14.52 12.57
CA SER A 268 -24.25 14.70 11.39
C SER A 268 -24.48 16.18 11.22
N PRO A 269 -24.79 16.64 10.00
CA PRO A 269 -25.00 18.07 9.73
C PRO A 269 -26.01 18.72 10.71
N GLU A 270 -27.01 17.95 11.08
CA GLU A 270 -28.13 18.41 11.94
C GLU A 270 -27.59 18.65 13.37
N GLU A 271 -26.56 17.94 13.84
CA GLU A 271 -26.01 18.12 15.22
C GLU A 271 -25.21 19.45 15.29
N ILE A 272 -24.56 19.88 14.20
CA ILE A 272 -23.79 21.19 14.17
C ILE A 272 -24.83 22.30 14.26
N ALA A 273 -25.75 22.31 13.29
CA ALA A 273 -26.93 23.20 13.25
C ALA A 273 -27.37 23.52 14.68
N ASP A 274 -27.73 22.50 15.46
CA ASP A 274 -28.24 22.60 16.86
C ASP A 274 -27.22 23.31 17.76
N SER A 275 -25.93 23.13 17.51
CA SER A 275 -24.83 23.84 18.21
C SER A 275 -24.78 25.28 17.69
N ILE A 276 -24.95 25.47 16.39
CA ILE A 276 -24.97 26.82 15.75
C ILE A 276 -26.16 27.58 16.33
N LYS A 277 -27.39 27.05 16.20
CA LYS A 277 -28.65 27.74 16.57
C LYS A 277 -28.63 28.08 18.08
N LYS A 278 -27.98 27.28 18.94
CA LYS A 278 -27.78 27.61 20.39
C LYS A 278 -27.11 28.98 20.57
N TYR A 279 -26.63 29.62 19.49
CA TYR A 279 -25.99 30.95 19.49
C TYR A 279 -26.56 31.83 18.37
N ILE A 280 -27.15 31.26 17.31
CA ILE A 280 -27.83 32.04 16.21
C ILE A 280 -29.22 31.43 15.99
N PRO A 281 -30.20 31.69 16.91
CA PRO A 281 -31.46 30.91 16.96
C PRO A 281 -32.33 30.84 15.70
N ASP A 282 -32.21 31.80 14.76
CA ASP A 282 -33.03 31.84 13.52
C ASP A 282 -32.47 30.86 12.47
N PHE A 283 -31.38 30.14 12.78
CA PHE A 283 -30.56 29.39 11.79
C PHE A 283 -31.38 28.23 11.19
N VAL A 284 -31.21 27.98 9.89
CA VAL A 284 -31.96 26.96 9.10
C VAL A 284 -30.98 26.04 8.35
N ILE A 285 -31.35 24.75 8.23
CA ILE A 285 -30.55 23.67 7.56
C ILE A 285 -31.42 23.04 6.48
N GLU A 286 -31.22 23.39 5.22
CA GLU A 286 -31.82 22.69 4.06
C GLU A 286 -30.87 21.55 3.70
N TYR A 287 -31.33 20.57 2.90
CA TYR A 287 -30.54 19.40 2.46
C TYR A 287 -30.73 19.23 0.94
N ASP A 288 -29.73 19.65 0.16
CA ASP A 288 -29.44 19.07 -1.19
C ASP A 288 -28.54 17.86 -0.96
N VAL A 289 -28.13 17.12 -1.99
CA VAL A 289 -27.31 15.89 -1.79
C VAL A 289 -26.44 15.65 -3.01
N ASP A 290 -25.25 16.23 -3.06
CA ASP A 290 -24.19 15.80 -4.00
C ASP A 290 -23.94 14.32 -3.77
N PRO A 291 -24.32 13.43 -4.71
CA PRO A 291 -24.23 11.99 -4.49
C PRO A 291 -22.79 11.47 -4.54
N VAL A 292 -21.85 12.22 -5.15
CA VAL A 292 -20.43 11.77 -5.32
C VAL A 292 -19.71 11.92 -3.98
N ARG A 293 -20.01 12.99 -3.22
CA ARG A 293 -19.36 13.31 -1.91
C ARG A 293 -20.00 12.47 -0.80
N GLN A 294 -21.34 12.36 -0.80
CA GLN A 294 -22.12 11.40 0.03
C GLN A 294 -21.49 10.01 -0.10
N SER A 295 -21.35 9.50 -1.34
CA SER A 295 -20.62 8.25 -1.67
C SER A 295 -19.37 8.14 -0.80
N ILE A 296 -18.47 9.13 -0.85
CA ILE A 296 -17.14 9.08 -0.18
C ILE A 296 -17.35 9.16 1.34
N ALA A 297 -18.29 9.94 1.83
CA ALA A 297 -18.61 10.05 3.28
C ALA A 297 -19.13 8.69 3.77
N ASP A 298 -19.88 8.01 2.91
CA ASP A 298 -20.41 6.64 3.17
C ASP A 298 -19.24 5.63 3.08
N SER A 299 -18.19 5.83 2.26
CA SER A 299 -16.94 4.99 2.25
C SER A 299 -16.40 4.90 3.69
N TRP A 300 -16.48 6.03 4.38
CA TRP A 300 -15.63 6.37 5.53
C TRP A 300 -16.32 5.99 6.83
N PRO A 301 -15.56 5.41 7.78
CA PRO A 301 -16.03 5.31 9.16
C PRO A 301 -16.80 6.54 9.69
N ASN A 302 -17.65 6.26 10.68
CA ASN A 302 -18.50 7.25 11.39
C ASN A 302 -17.69 7.81 12.56
N SER A 303 -16.83 6.97 13.15
CA SER A 303 -16.01 7.34 14.34
C SER A 303 -14.82 6.37 14.48
N LEU A 304 -13.66 6.87 14.89
CA LEU A 304 -12.43 6.05 15.02
C LEU A 304 -12.11 5.92 16.49
N ASP A 305 -11.26 4.94 16.81
CA ASP A 305 -10.76 4.69 18.17
C ASP A 305 -9.34 5.25 18.33
N SER A 306 -9.22 6.38 19.03
CA SER A 306 -7.95 7.06 19.38
C SER A 306 -7.17 6.38 20.50
N SER A 307 -7.60 5.21 20.99
CA SER A 307 -6.99 4.62 22.22
C SER A 307 -5.48 4.48 22.04
N SER A 308 -5.00 3.82 20.98
CA SER A 308 -3.54 3.58 20.83
C SER A 308 -2.84 4.93 20.98
N ALA A 309 -3.41 5.98 20.35
CA ALA A 309 -2.85 7.35 20.35
C ALA A 309 -2.77 7.80 21.80
N VAL A 310 -3.91 7.70 22.51
CA VAL A 310 -3.99 8.08 23.95
C VAL A 310 -3.01 7.23 24.77
N LYS A 311 -2.97 5.93 24.55
CA LYS A 311 -2.09 5.08 25.40
C LYS A 311 -0.62 5.41 25.12
N GLU A 312 -0.22 5.69 23.88
CA GLU A 312 1.22 5.57 23.48
C GLU A 312 1.95 6.93 23.56
N TRP A 313 1.24 8.05 23.43
CA TRP A 313 1.87 9.40 23.40
C TRP A 313 0.89 10.45 23.92
N ASN A 314 -0.20 10.01 24.54
CA ASN A 314 -1.06 10.89 25.36
C ASN A 314 -1.74 11.92 24.44
N PHE A 315 -2.26 11.46 23.31
CA PHE A 315 -3.15 12.29 22.47
C PHE A 315 -4.19 12.96 23.39
N LYS A 316 -4.25 14.28 23.31
CA LYS A 316 -5.15 15.15 24.11
C LYS A 316 -5.99 15.90 23.08
N PHE A 317 -6.92 16.74 23.50
CA PHE A 317 -7.69 17.65 22.63
C PHE A 317 -8.65 18.49 23.48
N SER A 318 -9.03 19.67 23.00
CA SER A 318 -9.64 20.78 23.79
C SER A 318 -11.04 21.13 23.31
N TYR A 319 -11.35 20.96 22.02
CA TYR A 319 -12.61 21.47 21.41
C TYR A 319 -13.56 20.31 21.14
N ASP A 320 -14.73 20.34 21.79
CA ASP A 320 -15.96 19.58 21.45
C ASP A 320 -16.77 20.43 20.47
N LEU A 321 -17.89 19.92 19.95
CA LEU A 321 -18.68 20.62 18.90
C LEU A 321 -19.14 22.00 19.40
N ASP A 322 -19.41 22.14 20.69
CA ASP A 322 -19.86 23.45 21.23
C ASP A 322 -18.66 24.39 21.15
N LYS A 323 -17.60 24.12 21.94
CA LYS A 323 -16.43 25.01 22.09
C LYS A 323 -16.02 25.52 20.71
N MET A 324 -15.93 24.60 19.74
CA MET A 324 -15.61 24.93 18.34
C MET A 324 -16.61 25.97 17.82
N THR A 325 -17.90 25.64 17.83
CA THR A 325 -18.97 26.49 17.24
C THR A 325 -18.87 27.93 17.79
N LYS A 326 -18.64 28.10 19.09
CA LYS A 326 -18.51 29.46 19.70
C LYS A 326 -17.32 30.16 19.02
N ASP A 327 -16.14 29.55 19.11
CA ASP A 327 -14.85 30.10 18.62
C ASP A 327 -14.90 30.38 17.11
N MET A 328 -15.63 29.58 16.32
CA MET A 328 -15.67 29.77 14.86
C MET A 328 -16.43 31.07 14.53
N LEU A 329 -17.50 31.35 15.27
CA LEU A 329 -18.40 32.49 14.98
C LEU A 329 -17.74 33.79 15.49
N GLU A 330 -16.94 33.74 16.55
CA GLU A 330 -16.06 34.85 16.98
C GLU A 330 -15.04 35.14 15.87
N LYS A 331 -14.22 34.14 15.51
CA LYS A 331 -13.04 34.26 14.60
C LYS A 331 -13.48 34.57 13.15
N LEU A 332 -14.74 34.28 12.79
CA LEU A 332 -15.28 34.62 11.44
C LEU A 332 -15.91 36.03 11.44
N SER A 333 -16.09 36.66 12.60
CA SER A 333 -16.65 38.03 12.74
C SER A 333 -15.52 39.05 12.79
N GLU A 334 -14.58 38.87 13.72
CA GLU A 334 -13.23 39.50 13.75
C GLU A 334 -12.65 39.61 12.32
N LYS A 335 -12.79 38.57 11.49
CA LYS A 335 -12.30 38.53 10.08
C LYS A 335 -13.29 39.28 9.16
N GLY A 336 -14.55 39.44 9.57
CA GLY A 336 -15.55 40.31 8.93
C GLY A 336 -16.40 39.58 7.89
N ILE A 337 -17.41 38.81 8.32
CA ILE A 337 -18.36 38.07 7.42
C ILE A 337 -19.80 38.61 7.61
N GLY A 338 -20.21 39.05 8.82
CA GLY A 338 -21.59 39.45 9.17
C GLY A 338 -21.89 40.93 8.93
N ARG B 20 -13.79 -14.20 -22.77
CA ARG B 20 -13.39 -15.03 -21.56
C ARG B 20 -11.99 -15.62 -21.78
N HIS B 21 -11.66 -16.01 -23.01
CA HIS B 21 -10.43 -16.81 -23.31
C HIS B 21 -9.27 -15.90 -23.71
N MET B 22 -8.06 -16.29 -23.30
CA MET B 22 -6.81 -15.67 -23.77
C MET B 22 -6.61 -16.05 -25.24
N LYS B 23 -6.53 -15.06 -26.15
CA LYS B 23 -6.08 -15.25 -27.55
C LYS B 23 -4.55 -15.01 -27.59
N LYS B 24 -4.10 -13.74 -27.48
CA LYS B 24 -2.71 -13.25 -27.68
C LYS B 24 -2.15 -12.69 -26.36
N ILE B 25 -1.01 -13.21 -25.91
CA ILE B 25 -0.53 -13.09 -24.49
C ILE B 25 0.88 -12.50 -24.43
N LEU B 26 1.02 -11.36 -23.75
CA LEU B 26 2.35 -10.80 -23.40
C LEU B 26 2.66 -11.20 -21.95
N ILE B 27 3.81 -11.84 -21.73
CA ILE B 27 4.34 -12.21 -20.39
C ILE B 27 5.59 -11.39 -20.08
N THR B 28 5.49 -10.46 -19.11
CA THR B 28 6.67 -9.76 -18.49
C THR B 28 7.27 -10.72 -17.46
N GLY B 29 8.58 -10.62 -17.23
CA GLY B 29 9.33 -11.40 -16.23
C GLY B 29 9.36 -12.89 -16.57
N ALA B 30 9.24 -13.21 -17.84
CA ALA B 30 9.03 -14.57 -18.35
C ALA B 30 10.25 -15.47 -18.09
N LEU B 31 11.41 -14.95 -17.73
CA LEU B 31 12.52 -15.85 -17.31
C LEU B 31 12.58 -15.98 -15.78
N GLY B 32 11.52 -15.61 -15.06
CA GLY B 32 11.42 -15.86 -13.60
C GLY B 32 11.22 -17.34 -13.29
N GLN B 33 11.05 -17.67 -12.00
CA GLN B 33 10.58 -18.99 -11.54
C GLN B 33 9.25 -19.36 -12.24
N ILE B 34 8.20 -18.59 -11.99
CA ILE B 34 6.86 -18.74 -12.63
C ILE B 34 7.00 -18.58 -14.13
N GLY B 35 7.80 -17.61 -14.56
CA GLY B 35 7.89 -17.21 -15.98
C GLY B 35 8.30 -18.40 -16.79
N SER B 36 9.45 -18.96 -16.46
CA SER B 36 10.09 -20.04 -17.24
C SER B 36 9.03 -21.08 -17.63
N GLU B 37 8.27 -21.59 -16.67
CA GLU B 37 7.41 -22.77 -16.92
C GLU B 37 6.05 -22.32 -17.47
N LEU B 38 5.66 -21.08 -17.19
CA LEU B 38 4.36 -20.54 -17.68
C LEU B 38 4.42 -20.31 -19.19
N THR B 39 5.53 -19.79 -19.75
CA THR B 39 5.55 -19.43 -21.20
C THR B 39 5.47 -20.77 -21.94
N ILE B 40 6.37 -21.70 -21.60
CA ILE B 40 6.40 -23.09 -22.14
C ILE B 40 5.02 -23.75 -22.06
N LYS B 41 4.23 -23.49 -21.03
CA LYS B 41 2.88 -24.11 -20.92
C LYS B 41 1.90 -23.40 -21.85
N LEU B 42 1.86 -22.07 -21.84
CA LEU B 42 0.88 -21.27 -22.63
C LEU B 42 1.20 -21.35 -24.13
N ARG B 43 2.47 -21.64 -24.47
CA ARG B 43 2.94 -21.97 -25.85
C ARG B 43 2.17 -23.21 -26.33
N ASN B 44 2.43 -24.37 -25.71
CA ASN B 44 1.69 -25.64 -25.94
C ASN B 44 0.18 -25.39 -26.02
N GLU B 45 -0.39 -24.63 -25.09
CA GLU B 45 -1.86 -24.53 -24.97
C GLU B 45 -2.43 -23.52 -25.96
N TYR B 46 -1.73 -22.43 -26.29
CA TYR B 46 -2.35 -21.29 -27.03
C TYR B 46 -1.62 -21.00 -28.35
N GLY B 47 -0.47 -21.64 -28.57
CA GLY B 47 0.30 -21.66 -29.83
C GLY B 47 1.53 -20.79 -29.76
N GLU B 48 2.71 -21.33 -30.11
CA GLU B 48 4.03 -20.64 -30.03
C GLU B 48 4.00 -19.20 -30.56
N GLN B 49 3.01 -18.87 -31.38
CA GLN B 49 2.96 -17.61 -32.15
C GLN B 49 1.98 -16.65 -31.51
N ASN B 50 1.31 -17.04 -30.41
CA ASN B 50 0.38 -16.15 -29.66
C ASN B 50 0.88 -15.78 -28.25
N VAL B 51 2.06 -16.30 -27.85
CA VAL B 51 2.71 -15.92 -26.58
C VAL B 51 4.08 -15.29 -26.89
N ILE B 52 4.21 -14.06 -26.37
CA ILE B 52 5.41 -13.19 -26.35
C ILE B 52 6.01 -13.18 -24.93
N ALA B 53 7.13 -13.85 -24.79
CA ALA B 53 7.97 -13.84 -23.60
C ALA B 53 8.83 -12.58 -23.65
N SER B 54 8.97 -11.90 -22.51
CA SER B 54 9.66 -10.61 -22.33
C SER B 54 10.48 -10.65 -21.05
N SER B 55 11.66 -10.04 -21.03
CA SER B 55 12.55 -9.92 -19.84
C SER B 55 13.63 -8.85 -20.05
N ARG B 56 14.15 -8.26 -18.97
CA ARG B 56 15.17 -7.16 -19.00
C ARG B 56 16.40 -7.69 -19.74
N ARG B 57 16.78 -8.94 -19.46
CA ARG B 57 18.06 -9.59 -19.84
C ARG B 57 17.78 -11.03 -20.25
N VAL B 58 18.51 -11.54 -21.25
CA VAL B 58 18.47 -12.96 -21.73
C VAL B 58 19.33 -13.84 -20.80
N LYS B 59 19.10 -15.16 -20.85
CA LYS B 59 20.04 -16.24 -20.40
C LYS B 59 20.00 -17.34 -21.46
N GLU B 60 21.15 -17.85 -21.90
CA GLU B 60 21.25 -18.97 -22.90
C GLU B 60 20.61 -20.22 -22.28
N GLY B 61 20.93 -20.47 -20.99
CA GLY B 61 20.47 -21.61 -20.18
C GLY B 61 18.97 -21.84 -20.28
N ASN B 62 18.20 -20.75 -20.42
CA ASN B 62 16.71 -20.81 -20.34
C ASN B 62 16.15 -21.50 -21.59
N PRO B 63 15.32 -22.55 -21.38
CA PRO B 63 14.50 -23.11 -22.46
C PRO B 63 13.58 -22.11 -23.18
N VAL B 64 13.26 -20.98 -22.56
CA VAL B 64 12.29 -20.01 -23.12
C VAL B 64 12.89 -19.44 -24.39
N CYS B 65 14.20 -19.18 -24.37
CA CYS B 65 14.87 -18.26 -25.32
C CYS B 65 15.12 -18.92 -26.68
N GLU B 66 15.01 -20.24 -26.80
CA GLU B 66 15.32 -20.98 -28.07
C GLU B 66 14.08 -21.72 -28.59
N SER B 67 12.87 -21.18 -28.45
CA SER B 67 11.65 -22.00 -28.62
C SER B 67 10.53 -21.24 -29.31
N GLY B 68 10.66 -19.92 -29.50
CA GLY B 68 9.54 -19.08 -30.03
C GLY B 68 9.84 -17.59 -29.99
N ILE B 69 8.80 -16.77 -29.82
CA ILE B 69 8.91 -15.28 -29.80
C ILE B 69 9.47 -14.82 -28.44
N PHE B 70 10.53 -14.03 -28.46
CA PHE B 70 11.09 -13.37 -27.26
C PHE B 70 11.44 -11.90 -27.56
N GLU B 71 10.84 -10.98 -26.81
CA GLU B 71 11.23 -9.54 -26.73
C GLU B 71 11.94 -9.21 -25.41
N ILE B 72 13.13 -8.64 -25.49
CA ILE B 72 13.78 -7.80 -24.43
C ILE B 72 12.84 -6.65 -24.07
N LEU B 73 12.55 -6.47 -22.78
CA LEU B 73 11.59 -5.43 -22.31
C LEU B 73 11.90 -5.03 -20.88
N ASP B 74 12.25 -3.76 -20.71
CA ASP B 74 12.33 -3.06 -19.41
C ASP B 74 10.95 -2.43 -19.16
N VAL B 75 10.21 -3.15 -18.37
CA VAL B 75 8.84 -2.80 -17.95
C VAL B 75 8.72 -1.34 -17.41
N THR B 76 9.81 -0.70 -16.98
CA THR B 76 9.70 0.66 -16.38
C THR B 76 9.68 1.75 -17.45
N ASP B 77 10.02 1.39 -18.68
CA ASP B 77 9.91 2.26 -19.89
C ASP B 77 8.49 2.14 -20.43
N LYS B 78 7.59 3.07 -20.10
CA LYS B 78 6.17 2.92 -20.50
C LYS B 78 6.10 2.76 -22.03
N ASN B 79 6.94 3.52 -22.72
CA ASN B 79 6.89 3.63 -24.19
C ASN B 79 7.25 2.27 -24.80
N ARG B 80 8.36 1.68 -24.45
CA ARG B 80 8.71 0.33 -24.98
C ARG B 80 7.62 -0.70 -24.58
N PHE B 81 7.06 -0.62 -23.37
CA PHE B 81 6.06 -1.62 -22.90
C PHE B 81 4.88 -1.50 -23.85
N PHE B 82 4.48 -0.27 -24.16
CA PHE B 82 3.36 0.04 -25.09
C PHE B 82 3.68 -0.47 -26.50
N GLU B 83 4.89 -0.16 -26.99
CA GLU B 83 5.38 -0.61 -28.32
C GLU B 83 5.14 -2.12 -28.38
N ILE B 84 5.64 -2.92 -27.44
CA ILE B 84 5.54 -4.40 -27.58
C ILE B 84 4.07 -4.80 -27.49
N ALA B 85 3.27 -4.16 -26.64
CA ALA B 85 1.85 -4.55 -26.47
C ALA B 85 1.17 -4.44 -27.83
N LYS B 86 1.37 -3.31 -28.51
CA LYS B 86 0.75 -2.97 -29.83
C LYS B 86 1.24 -3.85 -30.98
N LYS B 87 2.53 -4.16 -30.97
CA LYS B 87 3.25 -4.93 -32.01
C LYS B 87 2.58 -6.28 -32.24
N TYR B 88 2.06 -6.93 -31.20
CA TYR B 88 1.46 -8.28 -31.32
C TYR B 88 -0.05 -8.26 -31.04
N ASP B 89 -0.71 -7.10 -31.07
CA ASP B 89 -2.16 -6.91 -30.75
C ASP B 89 -2.58 -7.89 -29.68
N VAL B 90 -2.24 -7.55 -28.44
CA VAL B 90 -2.23 -8.47 -27.28
C VAL B 90 -3.53 -8.20 -26.54
N ASP B 91 -4.26 -9.22 -26.06
CA ASP B 91 -5.54 -9.04 -25.30
C ASP B 91 -5.27 -9.32 -23.81
N THR B 92 -4.23 -10.11 -23.51
CA THR B 92 -3.79 -10.51 -22.15
C THR B 92 -2.33 -10.11 -21.91
N ILE B 93 -2.11 -9.32 -20.85
CA ILE B 93 -0.77 -9.05 -20.24
C ILE B 93 -0.69 -9.76 -18.88
N ILE B 94 0.30 -10.63 -18.70
CA ILE B 94 0.63 -11.33 -17.43
C ILE B 94 1.92 -10.73 -16.90
N HIS B 95 1.78 -9.84 -15.92
CA HIS B 95 2.83 -8.93 -15.46
C HIS B 95 3.57 -9.58 -14.27
N LEU B 96 4.42 -10.56 -14.57
CA LEU B 96 5.35 -11.21 -13.57
C LEU B 96 6.56 -10.33 -13.26
N ALA B 97 6.94 -9.36 -14.10
CA ALA B 97 8.20 -8.61 -13.87
C ALA B 97 8.14 -8.00 -12.48
N SER B 98 9.20 -8.23 -11.68
CA SER B 98 9.31 -7.80 -10.25
C SER B 98 10.65 -8.25 -9.66
N LEU B 99 11.15 -7.58 -8.63
CA LEU B 99 12.19 -8.15 -7.73
C LEU B 99 11.50 -8.86 -6.56
N LEU B 100 11.97 -10.05 -6.18
CA LEU B 100 11.28 -10.91 -5.17
C LEU B 100 12.00 -10.85 -3.82
N SER B 101 11.41 -11.46 -2.79
CA SER B 101 11.57 -11.21 -1.32
C SER B 101 13.04 -10.92 -0.93
N ALA B 102 13.99 -11.65 -1.50
CA ALA B 102 15.39 -11.76 -1.05
C ALA B 102 16.25 -10.63 -1.61
N VAL B 103 16.21 -10.49 -2.94
CA VAL B 103 16.90 -9.45 -3.74
C VAL B 103 16.31 -8.10 -3.34
N ALA B 104 15.00 -8.11 -3.13
CA ALA B 104 14.25 -6.89 -2.78
C ALA B 104 14.83 -6.33 -1.46
N GLU B 105 15.27 -7.17 -0.51
CA GLU B 105 15.81 -6.67 0.78
C GLU B 105 17.21 -6.06 0.59
N SER B 106 18.04 -6.64 -0.30
CA SER B 106 19.38 -6.14 -0.75
C SER B 106 19.30 -4.74 -1.35
N LYS B 107 18.31 -4.48 -2.21
CA LYS B 107 18.19 -3.19 -2.94
C LYS B 107 16.73 -2.78 -2.97
N PRO B 108 16.22 -2.24 -1.84
CA PRO B 108 14.79 -1.97 -1.71
C PRO B 108 14.34 -0.87 -2.68
N LEU B 109 15.21 0.07 -3.03
CA LEU B 109 14.83 1.14 -3.97
C LEU B 109 14.67 0.56 -5.39
N GLU B 110 15.59 -0.28 -5.89
CA GLU B 110 15.41 -0.88 -7.24
C GLU B 110 14.07 -1.62 -7.24
N ALA B 111 13.79 -2.34 -6.15
CA ALA B 111 12.56 -3.15 -5.95
C ALA B 111 11.29 -2.29 -6.02
N TRP B 112 11.32 -1.14 -5.38
CA TRP B 112 10.17 -0.21 -5.39
C TRP B 112 9.96 0.28 -6.81
N ASN B 113 11.03 0.75 -7.49
CA ASN B 113 10.96 1.30 -8.86
C ASN B 113 10.40 0.19 -9.76
N LEU B 114 11.06 -0.95 -9.80
CA LEU B 114 10.66 -1.98 -10.78
C LEU B 114 9.23 -2.43 -10.48
N ASN B 115 8.88 -2.74 -9.23
CA ASN B 115 7.63 -3.49 -8.94
C ASN B 115 6.41 -2.56 -9.04
N MET B 116 6.61 -1.28 -8.73
CA MET B 116 5.54 -0.25 -8.68
C MET B 116 5.48 0.55 -10.00
N ASN B 117 6.60 0.98 -10.59
CA ASN B 117 6.54 1.75 -11.87
C ASN B 117 6.29 0.77 -13.01
N GLY B 118 6.91 -0.42 -12.92
CA GLY B 118 6.54 -1.51 -13.83
C GLY B 118 5.04 -1.67 -13.90
N LEU B 119 4.41 -1.81 -12.73
CA LEU B 119 2.97 -2.15 -12.62
C LEU B 119 2.13 -0.95 -13.05
N ILE B 120 2.33 0.28 -12.57
CA ILE B 120 1.48 1.44 -13.04
C ILE B 120 1.60 1.53 -14.57
N ASN B 121 2.77 1.21 -15.14
CA ASN B 121 2.95 1.31 -16.61
C ASN B 121 1.99 0.30 -17.23
N GLY B 122 2.10 -0.95 -16.84
CA GLY B 122 1.20 -2.02 -17.33
C GLY B 122 -0.28 -1.72 -17.09
N LEU B 123 -0.63 -1.09 -15.98
CA LEU B 123 -2.05 -0.79 -15.73
C LEU B 123 -2.52 0.26 -16.75
N GLU B 124 -1.75 1.34 -16.95
CA GLU B 124 -2.10 2.45 -17.89
C GLU B 124 -2.19 1.89 -19.32
N ILE B 125 -1.32 0.95 -19.68
CA ILE B 125 -1.36 0.28 -21.00
C ILE B 125 -2.69 -0.47 -21.09
N ALA B 126 -3.00 -1.29 -20.10
CA ALA B 126 -4.21 -2.14 -20.07
C ALA B 126 -5.46 -1.26 -20.11
N LYS B 127 -5.45 -0.16 -19.36
CA LYS B 127 -6.50 0.87 -19.45
C LYS B 127 -6.66 1.31 -20.93
N GLU B 128 -5.58 1.62 -21.65
CA GLU B 128 -5.62 2.19 -23.05
C GLU B 128 -6.07 1.12 -24.06
N LEU B 129 -5.60 -0.13 -23.95
CA LEU B 129 -5.81 -1.20 -24.95
C LEU B 129 -6.94 -2.16 -24.57
N ASP B 130 -7.80 -1.79 -23.61
CA ASP B 130 -8.76 -2.74 -23.00
C ASP B 130 -8.18 -4.18 -22.91
N CYS B 131 -7.03 -4.40 -22.28
CA CYS B 131 -6.45 -5.74 -21.95
C CYS B 131 -6.94 -6.36 -20.62
N LYS B 132 -6.67 -7.65 -20.52
CA LYS B 132 -6.71 -8.48 -19.30
C LYS B 132 -5.35 -8.38 -18.60
N PHE B 133 -5.36 -7.93 -17.35
CA PHE B 133 -4.14 -7.63 -16.58
C PHE B 133 -4.11 -8.50 -15.33
N PHE B 134 -3.29 -9.55 -15.41
CA PHE B 134 -3.01 -10.46 -14.29
C PHE B 134 -1.64 -10.13 -13.68
N THR B 135 -1.63 -9.94 -12.36
CA THR B 135 -0.44 -9.54 -11.60
C THR B 135 -0.37 -10.40 -10.33
N PRO B 136 0.71 -11.18 -10.17
CA PRO B 136 0.85 -12.07 -9.02
C PRO B 136 1.22 -11.28 -7.76
N SER B 137 0.57 -11.61 -6.65
CA SER B 137 0.92 -11.20 -5.25
C SER B 137 1.64 -12.38 -4.56
N SER B 138 1.86 -12.30 -3.25
CA SER B 138 2.31 -13.47 -2.47
C SER B 138 1.89 -13.38 -1.00
N ILE B 139 2.17 -14.45 -0.24
CA ILE B 139 2.00 -14.52 1.24
C ILE B 139 2.74 -13.35 1.86
N ALA B 140 3.81 -12.86 1.21
CA ALA B 140 4.71 -11.82 1.77
C ALA B 140 4.00 -10.48 1.91
N ALA B 141 2.78 -10.39 1.34
CA ALA B 141 1.78 -9.33 1.54
C ALA B 141 1.06 -9.40 2.89
N PHE B 142 1.51 -10.24 3.85
CA PHE B 142 0.87 -10.42 5.19
C PHE B 142 1.89 -10.14 6.30
N GLY B 143 1.40 -9.62 7.44
CA GLY B 143 2.22 -9.19 8.60
C GLY B 143 2.23 -10.17 9.79
N GLU B 144 2.80 -9.69 10.90
CA GLU B 144 2.72 -10.29 12.27
C GLU B 144 1.24 -10.33 12.74
N ASN B 145 0.60 -9.17 12.90
CA ASN B 145 -0.85 -8.87 12.89
C ASN B 145 -1.70 -9.80 12.00
N SER B 146 -1.16 -10.43 10.95
CA SER B 146 -2.02 -11.20 10.03
C SER B 146 -2.32 -12.56 10.69
N PRO B 147 -3.62 -12.91 10.80
CA PRO B 147 -4.05 -14.18 11.39
C PRO B 147 -3.19 -15.34 10.87
N LYS B 148 -2.71 -16.18 11.79
CA LYS B 148 -1.61 -17.15 11.54
C LYS B 148 -2.17 -18.44 10.91
N ASN B 149 -3.44 -18.77 11.16
CA ASN B 149 -4.03 -20.03 10.63
C ASN B 149 -5.34 -19.66 9.94
N MET B 150 -5.53 -20.18 8.72
CA MET B 150 -6.73 -19.95 7.89
C MET B 150 -6.93 -18.46 7.70
N THR B 151 -5.84 -17.74 7.37
CA THR B 151 -5.78 -16.28 7.14
C THR B 151 -6.90 -15.93 6.18
N PRO B 152 -7.87 -15.08 6.51
CA PRO B 152 -8.94 -14.78 5.55
C PRO B 152 -8.49 -14.03 4.29
N GLN B 153 -9.35 -13.98 3.27
CA GLN B 153 -9.16 -13.20 2.02
C GLN B 153 -9.04 -11.72 2.41
N ASP B 154 -10.03 -11.19 3.12
CA ASP B 154 -10.02 -9.77 3.55
C ASP B 154 -9.48 -9.68 4.98
N THR B 155 -8.18 -9.57 5.18
CA THR B 155 -7.62 -9.29 6.53
C THR B 155 -6.63 -8.10 6.50
N LEU B 156 -5.95 -7.90 7.63
CA LEU B 156 -4.83 -6.97 7.86
C LEU B 156 -3.64 -7.32 6.97
N GLN B 157 -3.00 -6.29 6.40
CA GLN B 157 -1.81 -6.45 5.52
C GLN B 157 -0.83 -5.34 5.87
N ARG B 158 0.09 -5.63 6.81
CA ARG B 158 1.11 -4.69 7.35
C ARG B 158 2.47 -5.37 7.33
N PRO B 159 2.90 -5.81 6.14
CA PRO B 159 4.23 -6.39 5.99
C PRO B 159 5.40 -5.47 6.34
N ASN B 160 6.49 -6.09 6.78
CA ASN B 160 7.78 -5.45 7.19
C ASN B 160 8.84 -5.63 6.07
N THR B 161 8.53 -6.30 4.96
CA THR B 161 9.44 -6.47 3.78
C THR B 161 9.11 -5.44 2.68
N MET B 162 10.12 -4.95 1.96
CA MET B 162 9.86 -4.02 0.83
C MET B 162 9.02 -4.80 -0.17
N TYR B 163 9.41 -6.05 -0.49
CA TYR B 163 8.59 -6.89 -1.39
C TYR B 163 7.13 -6.83 -0.96
N GLY B 164 6.83 -7.11 0.32
CA GLY B 164 5.44 -7.13 0.80
C GLY B 164 4.75 -5.79 0.61
N VAL B 165 5.46 -4.71 0.90
CA VAL B 165 4.89 -3.33 0.74
C VAL B 165 4.54 -3.10 -0.73
N THR B 166 5.40 -3.62 -1.63
CA THR B 166 5.11 -3.52 -3.07
C THR B 166 3.88 -4.37 -3.39
N LYS B 167 3.76 -5.58 -2.83
CA LYS B 167 2.62 -6.47 -3.22
C LYS B 167 1.31 -5.94 -2.62
N VAL B 168 1.32 -5.28 -1.46
CA VAL B 168 0.05 -4.66 -0.96
C VAL B 168 -0.29 -3.39 -1.74
N SER B 169 0.67 -2.46 -1.93
CA SER B 169 0.49 -1.26 -2.81
C SER B 169 -0.07 -1.69 -4.16
N GLY B 170 0.50 -2.75 -4.73
CA GLY B 170 0.07 -3.44 -5.97
C GLY B 170 -1.38 -3.90 -5.95
N GLU B 171 -1.78 -4.76 -5.02
CA GLU B 171 -3.19 -5.21 -4.96
C GLU B 171 -4.12 -3.98 -4.94
N LEU B 172 -3.80 -2.93 -4.17
CA LEU B 172 -4.74 -1.79 -3.98
C LEU B 172 -4.90 -1.04 -5.30
N LEU B 173 -3.76 -0.86 -5.95
CA LEU B 173 -3.61 -0.14 -7.24
C LEU B 173 -4.43 -0.90 -8.30
N CYS B 174 -4.14 -2.20 -8.49
CA CYS B 174 -4.86 -3.10 -9.43
C CYS B 174 -6.38 -3.05 -9.17
N ASP B 175 -6.82 -3.09 -7.92
CA ASP B 175 -8.28 -3.02 -7.66
C ASP B 175 -8.76 -1.62 -8.06
N TYR B 176 -7.98 -0.57 -7.83
CA TYR B 176 -8.40 0.82 -8.17
C TYR B 176 -8.66 0.89 -9.67
N TYR B 177 -7.79 0.24 -10.46
CA TYR B 177 -7.87 0.29 -11.93
C TYR B 177 -9.13 -0.45 -12.40
N HIS B 178 -9.61 -1.43 -11.63
CA HIS B 178 -10.90 -2.10 -11.94
C HIS B 178 -12.09 -1.29 -11.44
N SER B 179 -12.05 -0.79 -10.22
CA SER B 179 -13.24 -0.15 -9.61
C SER B 179 -13.51 1.14 -10.38
N LYS B 180 -12.48 1.81 -10.87
CA LYS B 180 -12.54 3.23 -11.26
C LYS B 180 -12.51 3.36 -12.77
N PHE B 181 -11.98 2.36 -13.49
CA PHE B 181 -11.79 2.45 -14.96
C PHE B 181 -12.18 1.11 -15.63
N GLY B 182 -12.71 0.17 -14.87
CA GLY B 182 -13.16 -1.12 -15.41
C GLY B 182 -12.08 -1.90 -16.13
N VAL B 183 -10.80 -1.76 -15.80
CA VAL B 183 -9.74 -2.68 -16.32
C VAL B 183 -9.97 -4.07 -15.69
N ASP B 184 -9.77 -5.15 -16.43
CA ASP B 184 -9.97 -6.54 -15.93
C ASP B 184 -8.69 -6.98 -15.21
N THR B 185 -8.46 -6.40 -14.04
CA THR B 185 -7.29 -6.73 -13.16
C THR B 185 -7.65 -7.90 -12.25
N ARG B 186 -6.76 -8.90 -12.16
CA ARG B 186 -6.96 -10.11 -11.34
C ARG B 186 -5.59 -10.66 -10.93
N GLY B 187 -5.52 -11.33 -9.78
CA GLY B 187 -4.28 -12.02 -9.36
C GLY B 187 -4.53 -12.99 -8.22
N VAL B 188 -3.49 -13.73 -7.84
CA VAL B 188 -3.47 -14.69 -6.69
C VAL B 188 -2.27 -14.35 -5.82
N ARG B 189 -2.31 -14.71 -4.55
CA ARG B 189 -1.17 -14.59 -3.61
C ARG B 189 -0.48 -15.94 -3.60
N PHE B 190 0.64 -16.05 -4.28
CA PHE B 190 1.43 -17.31 -4.36
C PHE B 190 2.08 -17.60 -3.02
N PRO B 191 1.82 -18.78 -2.45
CA PRO B 191 2.72 -19.36 -1.48
C PRO B 191 4.09 -19.58 -2.09
N GLY B 192 5.03 -20.12 -1.29
CA GLY B 192 6.27 -20.76 -1.76
C GLY B 192 5.89 -21.76 -2.85
N LEU B 193 6.74 -21.92 -3.86
CA LEU B 193 6.50 -22.76 -5.06
C LEU B 193 7.71 -23.65 -5.24
N ILE B 194 7.50 -24.90 -5.68
CA ILE B 194 8.56 -25.93 -5.86
C ILE B 194 8.61 -26.28 -7.36
N SER B 195 9.83 -26.47 -7.89
CA SER B 195 10.11 -26.68 -9.34
C SER B 195 11.38 -27.53 -9.58
N TYR B 196 11.29 -28.37 -10.61
CA TYR B 196 12.42 -29.20 -11.10
C TYR B 196 13.19 -28.46 -12.18
N VAL B 197 12.52 -27.49 -12.80
CA VAL B 197 13.09 -26.65 -13.90
C VAL B 197 14.03 -25.61 -13.29
N THR B 198 13.47 -24.70 -12.49
CA THR B 198 14.21 -23.51 -11.99
C THR B 198 15.03 -23.95 -10.78
N PRO B 199 16.37 -23.95 -10.89
CA PRO B 199 17.22 -24.30 -9.75
C PRO B 199 16.88 -23.52 -8.49
N PRO B 200 17.37 -24.00 -7.31
CA PRO B 200 17.03 -23.44 -6.01
C PRO B 200 18.10 -22.44 -5.54
N GLY B 201 18.26 -22.24 -4.22
CA GLY B 201 19.19 -21.27 -3.60
C GLY B 201 18.64 -19.86 -3.70
N GLY B 202 18.99 -18.96 -2.78
CA GLY B 202 18.59 -17.54 -2.84
C GLY B 202 17.36 -17.25 -2.02
N GLY B 203 16.16 -17.43 -2.60
CA GLY B 203 14.85 -17.10 -2.01
C GLY B 203 14.60 -17.77 -0.65
N THR B 204 13.53 -17.33 0.03
CA THR B 204 13.21 -17.70 1.44
C THR B 204 12.72 -19.16 1.52
N THR B 205 11.71 -19.50 0.71
CA THR B 205 11.01 -20.81 0.69
C THR B 205 11.76 -21.86 -0.13
N ASP B 206 13.00 -21.60 -0.58
CA ASP B 206 13.71 -22.46 -1.56
C ASP B 206 14.18 -23.76 -0.89
N TYR B 207 14.29 -23.83 0.44
CA TYR B 207 14.66 -25.08 1.18
C TYR B 207 13.82 -26.22 0.63
N ALA B 208 12.56 -25.96 0.25
CA ALA B 208 11.58 -26.98 -0.14
C ALA B 208 11.86 -27.47 -1.56
N VAL B 209 12.79 -26.85 -2.29
CA VAL B 209 13.31 -27.38 -3.58
C VAL B 209 14.70 -27.96 -3.31
N ASP B 210 15.65 -27.19 -2.73
CA ASP B 210 17.05 -27.63 -2.58
C ASP B 210 17.15 -29.04 -1.95
N ILE B 211 16.24 -29.37 -1.02
CA ILE B 211 16.25 -30.61 -0.19
C ILE B 211 16.23 -31.82 -1.13
N TYR B 212 15.32 -31.81 -2.10
CA TYR B 212 15.14 -32.86 -3.13
C TYR B 212 16.46 -33.00 -3.92
N TYR B 213 17.20 -31.92 -4.15
CA TYR B 213 18.54 -32.00 -4.82
C TYR B 213 19.48 -32.77 -3.87
N GLU B 214 19.63 -32.38 -2.59
CA GLU B 214 20.57 -33.08 -1.66
C GLU B 214 20.07 -34.51 -1.33
N ALA B 215 18.76 -34.77 -1.43
CA ALA B 215 18.18 -36.10 -1.15
C ALA B 215 18.72 -37.12 -2.15
N LEU B 216 19.08 -36.65 -3.35
CA LEU B 216 19.49 -37.51 -4.49
C LEU B 216 21.01 -37.45 -4.71
N LYS B 217 21.73 -36.45 -4.15
CA LYS B 217 23.22 -36.34 -4.21
C LYS B 217 23.83 -37.31 -3.19
N ASN B 218 24.02 -36.85 -1.95
CA ASN B 218 24.10 -37.73 -0.74
C ASN B 218 22.64 -37.96 -0.30
N LYS B 219 22.38 -38.19 0.98
CA LYS B 219 21.00 -38.23 1.53
C LYS B 219 20.99 -37.48 2.87
N ARG B 220 21.74 -36.37 2.95
CA ARG B 220 21.65 -35.32 4.00
C ARG B 220 21.22 -34.01 3.35
N TYR B 221 20.19 -33.34 3.89
CA TYR B 221 19.98 -31.87 3.76
C TYR B 221 20.23 -31.21 5.13
N LYS B 222 21.05 -30.17 5.18
CA LYS B 222 21.09 -29.19 6.31
C LYS B 222 20.17 -28.02 5.92
N SER B 223 19.09 -27.83 6.70
CA SER B 223 18.06 -26.79 6.50
C SER B 223 18.46 -25.48 7.21
N TYR B 224 18.07 -24.35 6.63
CA TYR B 224 18.23 -22.97 7.16
C TYR B 224 16.91 -22.52 7.82
N ILE B 225 15.95 -23.45 8.01
CA ILE B 225 14.59 -23.20 8.59
C ILE B 225 14.34 -24.21 9.73
N ALA B 226 13.84 -23.74 10.88
CA ALA B 226 13.73 -24.48 12.16
C ALA B 226 12.57 -25.50 12.15
N GLU B 227 12.72 -26.54 13.00
CA GLU B 227 12.14 -27.90 12.82
C GLU B 227 10.61 -27.88 12.62
N GLY B 228 9.86 -27.01 13.29
CA GLY B 228 8.40 -27.01 13.17
C GLY B 228 7.87 -25.66 12.74
N THR B 229 8.30 -25.16 11.59
CA THR B 229 7.76 -23.91 11.00
C THR B 229 6.90 -24.31 9.79
N LYS B 230 5.59 -24.28 10.01
CA LYS B 230 4.57 -24.40 8.95
C LYS B 230 4.77 -23.24 7.97
N MET B 231 4.58 -23.50 6.68
CA MET B 231 4.50 -22.47 5.61
C MET B 231 3.59 -22.96 4.48
N ASP B 232 2.74 -22.11 3.92
CA ASP B 232 1.96 -22.51 2.72
C ASP B 232 2.93 -22.75 1.56
N MET B 233 2.65 -23.80 0.80
CA MET B 233 3.44 -24.23 -0.36
C MET B 233 2.50 -24.78 -1.44
N MET B 234 3.08 -24.96 -2.64
CA MET B 234 2.34 -25.35 -3.87
C MET B 234 3.34 -25.84 -4.93
N TYR B 235 2.96 -26.91 -5.65
CA TYR B 235 3.80 -27.48 -6.72
C TYR B 235 3.57 -26.63 -7.95
N MET B 236 4.65 -26.31 -8.68
CA MET B 236 4.56 -25.38 -9.83
C MET B 236 3.28 -25.60 -10.64
N PRO B 237 2.96 -26.84 -11.10
CA PRO B 237 1.85 -27.05 -12.02
C PRO B 237 0.49 -26.64 -11.48
N ASP B 238 0.32 -26.74 -10.17
CA ASP B 238 -0.93 -26.26 -9.51
C ASP B 238 -1.01 -24.75 -9.69
N ALA B 239 0.15 -24.08 -9.54
CA ALA B 239 0.33 -22.60 -9.54
C ALA B 239 -0.05 -22.04 -10.91
N LEU B 240 0.59 -22.60 -11.96
CA LEU B 240 0.40 -22.20 -13.39
C LEU B 240 -1.07 -22.40 -13.74
N GLN B 241 -1.63 -23.55 -13.40
CA GLN B 241 -3.04 -23.87 -13.71
C GLN B 241 -3.94 -22.85 -12.99
N SER B 242 -3.49 -22.36 -11.84
CA SER B 242 -4.20 -21.32 -11.05
C SER B 242 -4.36 -20.04 -11.88
N ILE B 243 -3.26 -19.65 -12.53
CA ILE B 243 -3.19 -18.39 -13.31
C ILE B 243 -4.19 -18.47 -14.45
N VAL B 244 -4.08 -19.52 -15.26
CA VAL B 244 -4.99 -19.73 -16.42
C VAL B 244 -6.45 -19.75 -15.95
N ASP B 245 -6.75 -20.62 -14.97
CA ASP B 245 -8.12 -20.85 -14.46
C ASP B 245 -8.69 -19.49 -14.04
N LEU B 246 -7.87 -18.68 -13.38
CA LEU B 246 -8.37 -17.42 -12.79
C LEU B 246 -8.51 -16.38 -13.91
N ILE B 247 -7.55 -16.35 -14.85
CA ILE B 247 -7.60 -15.34 -15.94
C ILE B 247 -8.90 -15.55 -16.75
N GLU B 248 -9.23 -16.83 -17.01
CA GLU B 248 -10.31 -17.25 -17.93
C GLU B 248 -11.66 -17.40 -17.20
N ALA B 249 -11.66 -17.65 -15.90
CA ALA B 249 -12.88 -17.66 -15.06
C ALA B 249 -13.84 -16.54 -15.47
N PRO B 250 -15.16 -16.72 -15.27
CA PRO B 250 -16.13 -15.70 -15.66
C PRO B 250 -16.22 -14.60 -14.60
N ALA B 251 -16.25 -13.35 -15.05
CA ALA B 251 -16.07 -12.14 -14.21
C ALA B 251 -17.23 -11.96 -13.22
N ASP B 252 -18.43 -12.44 -13.53
CA ASP B 252 -19.68 -11.99 -12.84
C ASP B 252 -19.72 -12.55 -11.41
N LYS B 253 -19.05 -13.68 -11.12
CA LYS B 253 -19.00 -14.29 -9.77
C LYS B 253 -17.67 -13.98 -9.07
N LEU B 254 -16.95 -12.93 -9.50
CA LEU B 254 -15.71 -12.40 -8.87
C LEU B 254 -16.10 -11.25 -7.94
N ILE B 255 -15.96 -11.44 -6.63
CA ILE B 255 -16.27 -10.38 -5.62
C ILE B 255 -14.94 -9.74 -5.26
N HIS B 256 -13.90 -10.56 -5.13
CA HIS B 256 -12.47 -10.21 -4.99
C HIS B 256 -11.77 -10.34 -6.36
N ARG B 257 -10.65 -9.62 -6.52
CA ARG B 257 -9.83 -9.64 -7.76
C ARG B 257 -8.35 -9.75 -7.36
N ASN B 258 -7.85 -8.72 -6.68
CA ASN B 258 -6.37 -8.61 -6.48
C ASN B 258 -6.09 -8.62 -5.00
N ALA B 259 -5.51 -9.70 -4.51
CA ALA B 259 -5.36 -10.97 -5.20
C ALA B 259 -5.83 -12.11 -4.30
N PHE B 260 -6.18 -13.26 -4.90
CA PHE B 260 -6.83 -14.42 -4.23
C PHE B 260 -5.83 -15.20 -3.38
N ASN B 261 -6.21 -15.48 -2.14
CA ASN B 261 -5.58 -16.53 -1.30
C ASN B 261 -5.72 -17.84 -2.05
N ILE B 262 -4.61 -18.54 -2.24
CA ILE B 262 -4.64 -19.93 -2.77
C ILE B 262 -3.53 -20.70 -2.07
N THR B 263 -3.75 -22.01 -1.87
CA THR B 263 -2.82 -22.95 -1.21
C THR B 263 -3.22 -24.39 -1.55
N ALA B 264 -2.18 -25.24 -1.51
CA ALA B 264 -2.21 -26.70 -1.71
C ALA B 264 -1.88 -27.41 -0.40
N MET B 265 -0.99 -26.85 0.40
CA MET B 265 -0.42 -27.62 1.51
C MET B 265 0.36 -26.68 2.45
N SER B 266 0.21 -26.82 3.77
CA SER B 266 1.11 -26.26 4.80
C SER B 266 2.00 -27.40 5.27
N PHE B 267 3.24 -27.10 5.62
CA PHE B 267 4.20 -28.12 6.10
C PHE B 267 5.53 -27.50 6.54
N SER B 268 6.25 -28.37 7.24
CA SER B 268 7.45 -28.06 8.04
C SER B 268 8.55 -29.02 7.61
N PRO B 269 9.83 -28.63 7.74
CA PRO B 269 10.95 -29.52 7.39
C PRO B 269 10.73 -30.99 7.78
N GLU B 270 10.63 -31.30 9.08
CA GLU B 270 9.93 -32.49 9.65
C GLU B 270 9.20 -33.30 8.57
N GLU B 271 8.12 -32.72 8.00
CA GLU B 271 7.05 -33.42 7.26
C GLU B 271 7.47 -33.74 5.81
N ILE B 272 8.20 -32.84 5.11
CA ILE B 272 8.79 -33.17 3.78
C ILE B 272 9.75 -34.33 4.02
N ALA B 273 10.82 -34.10 4.78
CA ALA B 273 11.79 -35.13 5.23
C ALA B 273 11.11 -36.52 5.22
N ASP B 274 10.05 -36.68 6.02
CA ASP B 274 9.37 -37.99 6.26
C ASP B 274 8.72 -38.47 4.96
N SER B 275 8.19 -37.53 4.15
CA SER B 275 7.62 -37.79 2.80
C SER B 275 8.71 -38.30 1.85
N ILE B 276 9.93 -37.77 1.96
CA ILE B 276 11.13 -38.21 1.17
C ILE B 276 11.49 -39.64 1.62
N LYS B 277 11.48 -39.89 2.94
CA LYS B 277 11.88 -41.20 3.52
C LYS B 277 10.97 -42.33 3.01
N LYS B 278 9.71 -42.06 2.66
CA LYS B 278 8.81 -43.07 2.02
C LYS B 278 9.45 -43.60 0.72
N TYR B 279 10.24 -42.80 0.01
CA TYR B 279 10.85 -43.17 -1.30
C TYR B 279 12.36 -43.38 -1.07
N ILE B 280 13.01 -42.54 -0.27
CA ILE B 280 14.46 -42.69 0.05
C ILE B 280 14.63 -42.79 1.57
N PRO B 281 14.36 -43.98 2.17
CA PRO B 281 14.30 -44.14 3.63
C PRO B 281 15.56 -43.68 4.40
N ASP B 282 16.71 -43.69 3.73
CA ASP B 282 18.05 -43.42 4.32
C ASP B 282 18.16 -41.95 4.78
N PHE B 283 17.20 -41.08 4.41
CA PHE B 283 17.33 -39.60 4.42
C PHE B 283 17.46 -39.06 5.85
N VAL B 284 18.11 -37.91 6.05
CA VAL B 284 18.42 -37.27 7.38
C VAL B 284 18.43 -35.74 7.24
N ILE B 285 17.79 -34.99 8.16
CA ILE B 285 17.78 -33.48 8.19
C ILE B 285 18.58 -32.94 9.37
N GLU B 286 19.77 -32.37 9.12
CA GLU B 286 20.50 -31.51 10.11
C GLU B 286 19.80 -30.14 10.08
N TYR B 287 20.06 -29.25 11.03
CA TYR B 287 19.42 -27.89 11.13
C TYR B 287 20.45 -26.86 11.58
N ASP B 288 20.73 -25.86 10.74
CA ASP B 288 21.52 -24.65 11.11
C ASP B 288 20.79 -23.44 10.49
N VAL B 289 19.99 -22.71 11.29
CA VAL B 289 18.98 -21.73 10.79
C VAL B 289 19.65 -20.40 10.42
N ASP B 290 19.15 -19.75 9.36
CA ASP B 290 19.44 -18.33 9.05
C ASP B 290 18.41 -17.43 9.74
N PRO B 291 18.79 -16.70 10.83
CA PRO B 291 18.02 -15.55 11.33
C PRO B 291 17.30 -14.72 10.25
N VAL B 292 18.03 -14.05 9.36
CA VAL B 292 17.46 -13.16 8.29
C VAL B 292 16.14 -13.77 7.82
N ARG B 293 16.20 -15.00 7.26
CA ARG B 293 15.13 -15.64 6.46
C ARG B 293 14.09 -16.24 7.39
N GLN B 294 14.54 -16.99 8.40
CA GLN B 294 13.67 -17.57 9.45
C GLN B 294 12.65 -16.51 9.90
N SER B 295 13.11 -15.31 10.28
CA SER B 295 12.25 -14.14 10.65
C SER B 295 11.10 -14.01 9.64
N ILE B 296 11.43 -13.78 8.36
CA ILE B 296 10.44 -13.55 7.25
C ILE B 296 9.40 -14.67 7.29
N ALA B 297 9.82 -15.94 7.43
CA ALA B 297 8.90 -17.10 7.54
C ALA B 297 7.97 -16.90 8.73
N ASP B 298 8.54 -16.58 9.91
CA ASP B 298 7.79 -16.47 11.18
C ASP B 298 6.80 -15.30 11.06
N SER B 299 7.14 -14.27 10.27
CA SER B 299 6.32 -13.06 10.00
C SER B 299 5.11 -13.42 9.11
N TRP B 300 5.11 -14.61 8.48
CA TRP B 300 4.06 -15.06 7.52
C TRP B 300 3.10 -16.02 8.15
N PRO B 301 1.81 -15.94 7.77
CA PRO B 301 0.87 -17.03 8.04
C PRO B 301 1.45 -18.44 7.80
N ASN B 302 0.93 -19.37 8.60
CA ASN B 302 1.24 -20.82 8.57
C ASN B 302 0.31 -21.48 7.55
N SER B 303 -0.94 -21.03 7.44
CA SER B 303 -1.91 -21.59 6.46
C SER B 303 -2.90 -20.49 6.03
N LEU B 304 -3.27 -20.44 4.75
CA LEU B 304 -4.22 -19.44 4.23
C LEU B 304 -5.57 -20.10 4.09
N ASP B 305 -6.59 -19.29 3.86
CA ASP B 305 -7.98 -19.74 3.61
C ASP B 305 -8.29 -19.52 2.12
N SER B 306 -8.25 -20.59 1.33
CA SER B 306 -8.49 -20.64 -0.14
C SER B 306 -9.98 -20.51 -0.48
N SER B 307 -10.84 -20.28 0.50
CA SER B 307 -12.28 -20.62 0.36
C SER B 307 -12.99 -19.60 -0.54
N SER B 308 -12.44 -18.41 -0.76
CA SER B 308 -13.05 -17.43 -1.72
C SER B 308 -12.64 -17.78 -3.15
N ALA B 309 -11.45 -18.34 -3.32
CA ALA B 309 -10.94 -18.81 -4.63
C ALA B 309 -11.94 -19.83 -5.17
N VAL B 310 -12.09 -20.92 -4.42
CA VAL B 310 -13.02 -22.06 -4.67
C VAL B 310 -14.42 -21.50 -4.99
N LYS B 311 -15.02 -20.71 -4.11
CA LYS B 311 -16.38 -20.18 -4.39
C LYS B 311 -16.39 -19.39 -5.72
N GLU B 312 -15.37 -18.56 -6.00
CA GLU B 312 -15.52 -17.43 -6.96
C GLU B 312 -15.06 -17.82 -8.39
N TRP B 313 -14.14 -18.77 -8.49
CA TRP B 313 -13.63 -19.18 -9.81
C TRP B 313 -13.16 -20.62 -9.69
N ASN B 314 -13.80 -21.40 -8.81
CA ASN B 314 -13.61 -22.87 -8.77
C ASN B 314 -12.11 -23.18 -8.73
N PHE B 315 -11.35 -22.50 -7.89
CA PHE B 315 -9.92 -22.85 -7.70
C PHE B 315 -9.85 -24.33 -7.29
N LYS B 316 -8.82 -25.03 -7.74
CA LYS B 316 -8.55 -26.41 -7.29
C LYS B 316 -7.06 -26.66 -7.44
N PHE B 317 -6.51 -27.62 -6.72
CA PHE B 317 -5.15 -28.13 -6.94
C PHE B 317 -5.26 -29.64 -7.08
N SER B 318 -4.14 -30.36 -7.11
CA SER B 318 -4.13 -31.79 -7.42
C SER B 318 -2.84 -32.47 -6.95
N TYR B 319 -1.86 -31.72 -6.43
CA TYR B 319 -0.66 -32.31 -5.78
C TYR B 319 -0.73 -32.05 -4.27
N ASP B 320 -0.92 -33.13 -3.49
CA ASP B 320 -0.69 -33.21 -2.02
C ASP B 320 0.81 -33.35 -1.80
N LEU B 321 1.26 -33.33 -0.55
CA LEU B 321 2.71 -33.40 -0.22
C LEU B 321 3.34 -34.67 -0.84
N ASP B 322 2.69 -35.83 -0.74
CA ASP B 322 3.28 -37.12 -1.21
C ASP B 322 3.33 -37.11 -2.75
N LYS B 323 2.20 -36.79 -3.43
CA LYS B 323 2.14 -36.84 -4.93
C LYS B 323 3.32 -36.01 -5.48
N MET B 324 3.57 -34.84 -4.88
CA MET B 324 4.68 -33.92 -5.25
C MET B 324 6.03 -34.61 -5.03
N THR B 325 6.25 -35.22 -3.87
CA THR B 325 7.57 -35.81 -3.49
C THR B 325 7.93 -36.91 -4.51
N LYS B 326 6.94 -37.70 -4.94
CA LYS B 326 7.13 -38.70 -6.00
C LYS B 326 7.67 -37.98 -7.25
N ASP B 327 6.81 -37.19 -7.90
CA ASP B 327 7.05 -36.40 -9.16
C ASP B 327 8.43 -35.71 -9.13
N MET B 328 8.77 -35.00 -8.04
CA MET B 328 10.04 -34.26 -7.89
C MET B 328 11.21 -35.22 -8.02
N LEU B 329 11.11 -36.40 -7.40
CA LEU B 329 12.27 -37.29 -7.23
C LEU B 329 12.59 -37.98 -8.57
N GLU B 330 11.56 -38.47 -9.28
CA GLU B 330 11.65 -38.89 -10.72
C GLU B 330 12.35 -37.80 -11.52
N LYS B 331 11.69 -36.64 -11.63
CA LYS B 331 12.04 -35.54 -12.56
C LYS B 331 13.47 -35.05 -12.35
N LEU B 332 13.96 -34.98 -11.11
CA LEU B 332 15.32 -34.47 -10.82
C LEU B 332 16.40 -35.53 -11.12
N SER B 333 16.02 -36.80 -11.24
CA SER B 333 16.95 -37.91 -11.58
C SER B 333 16.91 -38.20 -13.09
N GLU B 334 15.81 -37.89 -13.79
CA GLU B 334 15.77 -37.79 -15.29
C GLU B 334 16.84 -36.82 -15.79
N LYS B 335 16.84 -35.59 -15.28
CA LYS B 335 17.92 -34.58 -15.47
C LYS B 335 19.23 -35.15 -14.92
N GLY B 336 19.17 -36.24 -14.15
CA GLY B 336 20.34 -37.00 -13.66
C GLY B 336 21.08 -36.22 -12.59
N ILE B 337 21.19 -36.75 -11.38
CA ILE B 337 21.81 -35.98 -10.25
C ILE B 337 22.77 -36.87 -9.42
N GLY B 338 22.42 -38.13 -9.14
CA GLY B 338 23.32 -39.13 -8.51
C GLY B 338 24.00 -40.00 -9.55
#